data_6I5V
#
_entry.id   6I5V
#
_cell.length_a   56.330
_cell.length_b   75.910
_cell.length_c   102.310
_cell.angle_alpha   90.000
_cell.angle_beta   90.000
_cell.angle_gamma   90.000
#
_symmetry.space_group_name_H-M   'P 21 21 21'
#
loop_
_entity.id
_entity.type
_entity.pdbx_description
1 polymer 'Solute Binding Protein, BlMnBP1 in complex with mannotrisoe'
2 branched beta-D-mannopyranose-(1-4)-beta-D-mannopyranose-(1-4)-beta-D-mannopyranose
3 non-polymer 'ZINC ION'
4 water water
#
_entity_poly.entity_id   1
_entity_poly.type   'polypeptide(L)'
_entity_poly.pdbx_seq_one_letter_code
;NKTGITYPEIKLGETGKDIKTTITFMNNRTDMNLDTYPGKNWKSYIEDFNKMYPNITVKVQTDSNYADSALTRLQANNDS
WDIMMIPAVDKSEFSNYFVPYGETSEMEKVIKLADEKAYDGQTYGIANNGVTAGIVYNKKVFEEAGIKELPKTPEEFQAD
LKLIKEKTKAVPLYTNFVEDWAMGAWDQYIAGNATGDPKFMNQVLPTTKEPFKKDASAPDTHPYAVYKTLYDAVANGYTE
EDYSTTDWESSKGKMNNGEIATMVLGAWAVPQMKQAGDHPDDIGYMPFPITVDGKQYATIAGDYSYGINKNISKEKQEAS
MIFVKWMTEDSGFAKNEGGIPIKADDESMPETYETFSDVELITDAPAKEGQEDLLANVNSDSELGINNGNGKKIQDIVVD
AANRTRTIDQIMDEWNQKWAKAVEDN
;
_entity_poly.pdbx_strand_id   A
#
loop_
_chem_comp.id
_chem_comp.type
_chem_comp.name
_chem_comp.formula
BMA D-saccharide, beta linking beta-D-mannopyranose 'C6 H12 O6'
ZN non-polymer 'ZINC ION' 'Zn 2'
#
# COMPACT_ATOMS: atom_id res chain seq x y z
N ASN A 1 -4.10 -20.43 17.54
CA ASN A 1 -3.43 -20.64 16.23
C ASN A 1 -4.29 -21.63 15.40
N LYS A 2 -3.79 -22.22 14.29
CA LYS A 2 -4.57 -23.04 13.31
C LYS A 2 -5.03 -24.35 13.97
N THR A 3 -6.01 -25.01 13.37
CA THR A 3 -6.68 -26.20 13.96
C THR A 3 -6.24 -27.50 13.28
N GLY A 4 -5.06 -27.53 12.66
CA GLY A 4 -4.56 -28.71 12.01
C GLY A 4 -4.97 -28.86 10.57
N ILE A 5 -5.58 -27.83 9.98
CA ILE A 5 -5.93 -27.82 8.56
C ILE A 5 -5.27 -26.57 7.96
N THR A 6 -4.17 -26.79 7.23
CA THR A 6 -3.27 -25.73 6.78
C THR A 6 -3.65 -25.24 5.40
N TYR A 7 -3.33 -23.98 5.11
CA TYR A 7 -3.70 -23.39 3.83
C TYR A 7 -3.28 -24.21 2.61
N PRO A 8 -2.06 -24.76 2.54
CA PRO A 8 -1.73 -25.62 1.37
C PRO A 8 -2.63 -26.86 1.27
N GLU A 9 -3.15 -27.38 2.39
CA GLU A 9 -3.96 -28.59 2.39
C GLU A 9 -5.38 -28.39 1.91
N ILE A 10 -5.84 -27.16 1.75
CA ILE A 10 -7.26 -26.92 1.38
C ILE A 10 -7.57 -27.40 -0.04
N LYS A 11 -8.43 -28.41 -0.18
CA LYS A 11 -8.90 -28.85 -1.49
C LYS A 11 -10.12 -28.00 -1.83
N LEU A 12 -9.94 -27.05 -2.73
CA LEU A 12 -11.01 -26.12 -3.04
C LEU A 12 -12.15 -26.86 -3.74
N GLY A 13 -13.33 -26.82 -3.13
CA GLY A 13 -14.49 -27.54 -3.60
C GLY A 13 -14.74 -28.84 -2.85
N GLU A 14 -13.68 -29.39 -2.30
CA GLU A 14 -13.74 -30.65 -1.52
C GLU A 14 -13.97 -30.28 -0.07
N THR A 15 -12.94 -29.71 0.56
CA THR A 15 -12.90 -29.45 1.98
C THR A 15 -13.98 -28.49 2.43
N GLY A 16 -14.50 -28.73 3.63
CA GLY A 16 -15.41 -27.81 4.28
C GLY A 16 -16.70 -27.65 3.53
N LYS A 17 -16.91 -28.57 2.58
CA LYS A 17 -18.14 -28.58 1.80
C LYS A 17 -19.36 -28.82 2.67
N ASP A 18 -19.18 -29.37 3.86
CA ASP A 18 -20.26 -29.72 4.78
C ASP A 18 -20.58 -28.61 5.79
N ILE A 19 -19.87 -27.50 5.77
CA ILE A 19 -20.04 -26.47 6.79
C ILE A 19 -21.21 -25.57 6.43
N LYS A 20 -21.97 -25.17 7.45
CA LYS A 20 -23.03 -24.17 7.31
C LYS A 20 -22.86 -23.14 8.43
N THR A 21 -22.15 -22.03 8.15
CA THR A 21 -22.11 -20.91 9.08
C THR A 21 -22.07 -19.60 8.30
N THR A 22 -22.10 -18.51 9.06
CA THR A 22 -21.87 -17.18 8.55
C THR A 22 -20.53 -16.68 9.10
N ILE A 23 -19.73 -16.04 8.23
CA ILE A 23 -18.48 -15.40 8.64
C ILE A 23 -18.47 -13.94 8.23
N THR A 24 -17.77 -13.15 9.03
CA THR A 24 -17.80 -11.70 8.92
C THR A 24 -16.43 -11.22 8.43
N PHE A 25 -16.42 -10.53 7.32
CA PHE A 25 -15.21 -10.14 6.62
C PHE A 25 -15.16 -8.61 6.63
N MET A 26 -14.20 -8.07 7.36
CA MET A 26 -14.01 -6.62 7.43
C MET A 26 -12.97 -6.19 6.39
N ASN A 27 -13.28 -5.18 5.58
CA ASN A 27 -12.22 -4.69 4.70
C ASN A 27 -12.38 -3.18 4.47
N ASN A 28 -11.40 -2.62 3.72
CA ASN A 28 -11.32 -1.18 3.45
C ASN A 28 -12.10 -0.76 2.22
N ARG A 29 -12.57 -1.69 1.39
CA ARG A 29 -13.16 -1.33 0.11
C ARG A 29 -14.65 -0.98 0.28
N THR A 30 -14.88 0.19 0.87
CA THR A 30 -16.23 0.76 0.94
C THR A 30 -16.87 0.91 -0.44
N ASP A 31 -16.06 1.25 -1.46
CA ASP A 31 -16.62 1.42 -2.79
C ASP A 31 -17.23 0.13 -3.31
N MET A 32 -16.57 -0.99 -3.06
CA MET A 32 -17.04 -2.28 -3.52
C MET A 32 -18.28 -2.76 -2.76
N ASN A 33 -18.60 -2.15 -1.63
CA ASN A 33 -19.73 -2.56 -0.83
C ASN A 33 -21.00 -1.82 -1.22
N LEU A 34 -21.03 -1.29 -2.43
CA LEU A 34 -22.17 -0.59 -2.99
C LEU A 34 -22.57 -1.27 -4.29
N ASP A 35 -23.82 -1.08 -4.68
CA ASP A 35 -24.23 -1.64 -5.96
C ASP A 35 -23.84 -0.74 -7.11
N THR A 36 -23.53 0.53 -6.82
CA THR A 36 -22.98 1.47 -7.77
C THR A 36 -21.54 1.22 -8.18
N TYR A 37 -20.82 0.38 -7.48
CA TYR A 37 -19.41 0.18 -7.82
C TYR A 37 -19.31 -0.09 -9.31
N PRO A 38 -18.48 0.69 -10.05
CA PRO A 38 -18.38 0.46 -11.50
C PRO A 38 -17.93 -0.94 -11.91
N GLY A 39 -17.02 -1.57 -11.18
CA GLY A 39 -16.55 -2.91 -11.50
C GLY A 39 -17.32 -4.00 -10.78
N LYS A 40 -16.61 -5.08 -10.47
CA LYS A 40 -17.15 -6.25 -9.80
C LYS A 40 -17.19 -6.02 -8.29
N ASN A 41 -18.38 -5.95 -7.71
CA ASN A 41 -18.49 -5.63 -6.29
C ASN A 41 -18.43 -6.88 -5.42
N TRP A 42 -18.34 -6.64 -4.11
CA TRP A 42 -18.36 -7.71 -3.12
C TRP A 42 -19.53 -8.67 -3.35
N LYS A 43 -20.74 -8.14 -3.53
CA LYS A 43 -21.89 -9.00 -3.78
C LYS A 43 -21.58 -9.98 -4.90
N SER A 44 -20.94 -9.51 -5.97
CA SER A 44 -20.64 -10.36 -7.11
C SER A 44 -19.61 -11.42 -6.75
N TYR A 45 -18.52 -11.02 -6.11
CA TYR A 45 -17.50 -11.98 -5.70
C TYR A 45 -18.11 -13.06 -4.81
N ILE A 46 -19.06 -12.68 -3.96
CA ILE A 46 -19.61 -13.64 -3.03
C ILE A 46 -20.72 -14.42 -3.71
N GLU A 47 -21.45 -13.78 -4.62
CA GLU A 47 -22.28 -14.52 -5.57
C GLU A 47 -21.49 -15.66 -6.20
N ASP A 48 -20.31 -15.37 -6.76
CA ASP A 48 -19.50 -16.42 -7.38
C ASP A 48 -18.97 -17.40 -6.34
N PHE A 49 -18.52 -16.89 -5.19
CA PHE A 49 -18.02 -17.79 -4.15
C PHE A 49 -19.09 -18.79 -3.73
N ASN A 50 -20.35 -18.35 -3.68
CA ASN A 50 -21.42 -19.23 -3.24
C ASN A 50 -21.80 -20.25 -4.33
N LYS A 51 -21.37 -20.03 -5.55
CA LYS A 51 -21.59 -21.01 -6.64
C LYS A 51 -20.93 -22.29 -6.18
N MET A 52 -19.83 -22.16 -5.44
CA MET A 52 -19.00 -23.27 -4.98
C MET A 52 -19.20 -23.62 -3.51
N TYR A 53 -19.81 -22.72 -2.74
CA TYR A 53 -19.98 -22.90 -1.29
C TYR A 53 -21.22 -22.10 -0.97
N PRO A 54 -22.40 -22.70 -1.10
CA PRO A 54 -23.63 -21.95 -0.86
C PRO A 54 -23.94 -21.72 0.60
N ASN A 55 -23.40 -22.54 1.50
CA ASN A 55 -23.80 -22.53 2.90
C ASN A 55 -22.82 -21.83 3.81
N ILE A 56 -21.64 -21.46 3.31
CA ILE A 56 -20.82 -20.42 3.93
C ILE A 56 -21.37 -19.06 3.51
N THR A 57 -22.00 -18.36 4.43
CA THR A 57 -22.46 -17.01 4.16
C THR A 57 -21.39 -16.03 4.60
N VAL A 58 -21.27 -14.94 3.85
CA VAL A 58 -20.22 -13.96 4.09
C VAL A 58 -20.88 -12.60 4.26
N LYS A 59 -20.81 -12.06 5.47
CA LYS A 59 -21.22 -10.69 5.74
C LYS A 59 -19.99 -9.81 5.51
N VAL A 60 -20.09 -8.86 4.60
CA VAL A 60 -18.97 -7.94 4.29
C VAL A 60 -19.21 -6.66 5.08
N GLN A 61 -18.26 -6.25 5.91
CA GLN A 61 -18.34 -4.98 6.62
C GLN A 61 -17.19 -4.09 6.18
N THR A 62 -17.50 -2.84 5.88
CA THR A 62 -16.52 -1.90 5.38
C THR A 62 -16.66 -0.59 6.13
N ASP A 63 -15.50 0.05 6.32
CA ASP A 63 -15.36 1.26 7.09
C ASP A 63 -14.42 2.19 6.34
N SER A 64 -14.86 3.43 6.16
CA SER A 64 -14.05 4.41 5.46
C SER A 64 -12.76 4.70 6.21
N ASN A 65 -12.80 4.68 7.53
CA ASN A 65 -11.63 4.99 8.34
C ASN A 65 -10.91 3.71 8.75
N TYR A 66 -10.55 2.91 7.75
CA TYR A 66 -10.35 1.48 8.02
C TYR A 66 -9.21 1.23 9.01
N ALA A 67 -8.06 1.91 8.84
CA ALA A 67 -6.90 1.58 9.66
C ALA A 67 -7.21 1.69 11.17
N ASP A 68 -7.85 2.79 11.59
CA ASP A 68 -8.03 3.03 13.03
C ASP A 68 -9.11 2.11 13.60
N SER A 69 -10.22 1.97 12.87
CA SER A 69 -11.33 1.13 13.31
C SER A 69 -10.95 -0.36 13.31
N ALA A 70 -10.14 -0.81 12.36
CA ALA A 70 -9.74 -2.21 12.36
C ALA A 70 -8.82 -2.49 13.52
N LEU A 71 -7.89 -1.56 13.80
CA LEU A 71 -6.98 -1.70 14.93
C LEU A 71 -7.74 -1.70 16.25
N THR A 72 -8.61 -0.71 16.46
CA THR A 72 -9.46 -0.70 17.66
C THR A 72 -10.18 -2.03 17.84
N ARG A 73 -10.90 -2.47 16.81
CA ARG A 73 -11.52 -3.78 16.85
C ARG A 73 -10.52 -4.87 17.18
N LEU A 74 -9.35 -4.82 16.60
CA LEU A 74 -8.38 -5.90 16.80
C LEU A 74 -7.99 -5.97 18.27
N GLN A 75 -7.80 -4.81 18.87
CA GLN A 75 -7.35 -4.69 20.25
C GLN A 75 -8.43 -5.10 21.23
N ALA A 76 -9.68 -5.10 20.79
CA ALA A 76 -10.77 -5.51 21.64
C ALA A 76 -10.74 -7.01 21.90
N ASN A 77 -10.04 -7.76 21.06
CA ASN A 77 -9.72 -9.17 21.30
C ASN A 77 -10.99 -9.97 21.63
N ASN A 78 -11.93 -9.96 20.69
CA ASN A 78 -13.14 -10.76 20.83
C ASN A 78 -13.31 -11.61 19.57
N ASP A 79 -14.55 -12.05 19.33
CA ASP A 79 -14.90 -12.93 18.22
C ASP A 79 -15.92 -12.26 17.30
N SER A 80 -15.99 -10.93 17.34
CA SER A 80 -16.93 -10.16 16.55
C SER A 80 -16.59 -10.12 15.07
N TRP A 81 -15.45 -10.69 14.66
CA TRP A 81 -15.04 -10.67 13.25
C TRP A 81 -14.28 -11.97 12.99
N ASP A 82 -14.36 -12.46 11.76
CA ASP A 82 -13.63 -13.67 11.35
C ASP A 82 -12.40 -13.38 10.48
N ILE A 83 -12.56 -12.55 9.44
CA ILE A 83 -11.47 -12.05 8.61
C ILE A 83 -11.44 -10.52 8.72
N MET A 84 -10.25 -9.96 8.86
CA MET A 84 -10.06 -8.54 8.55
C MET A 84 -8.78 -8.39 7.75
N MET A 85 -8.68 -7.24 7.09
CA MET A 85 -7.43 -6.83 6.48
C MET A 85 -6.54 -6.34 7.60
N ILE A 86 -5.30 -6.80 7.63
CA ILE A 86 -4.51 -6.64 8.84
C ILE A 86 -4.06 -5.18 8.96
N PRO A 87 -4.28 -4.50 10.11
CA PRO A 87 -3.92 -3.08 10.23
C PRO A 87 -2.49 -2.91 10.71
N ALA A 88 -2.12 -1.74 11.20
CA ALA A 88 -0.73 -1.48 11.59
C ALA A 88 -0.45 -1.98 13.00
N VAL A 89 -0.11 -3.25 13.10
CA VAL A 89 0.25 -3.87 14.37
C VAL A 89 1.55 -4.63 14.15
N ASP A 90 2.45 -4.57 15.14
CA ASP A 90 3.76 -5.20 15.04
C ASP A 90 3.63 -6.71 14.85
N LYS A 91 4.48 -7.25 13.96
CA LYS A 91 4.45 -8.68 13.63
C LYS A 91 4.58 -9.57 14.85
N SER A 92 5.41 -9.17 15.83
CA SER A 92 5.51 -9.97 17.06
C SER A 92 4.17 -10.16 17.75
N GLU A 93 3.14 -9.38 17.40
CA GLU A 93 1.84 -9.59 18.03
C GLU A 93 0.91 -10.49 17.21
N PHE A 94 1.31 -10.90 16.00
CA PHE A 94 0.41 -11.66 15.14
C PHE A 94 -0.10 -12.92 15.84
N SER A 95 0.81 -13.62 16.53
CA SER A 95 0.46 -14.80 17.29
C SER A 95 -0.72 -14.53 18.23
N ASN A 96 -0.74 -13.33 18.86
CA ASN A 96 -1.83 -12.97 19.78
C ASN A 96 -3.17 -12.91 19.08
N TYR A 97 -3.17 -12.61 17.79
CA TYR A 97 -4.42 -12.25 17.14
C TYR A 97 -4.85 -13.19 16.03
N PHE A 98 -3.92 -13.70 15.24
CA PHE A 98 -4.29 -14.22 13.94
C PHE A 98 -3.96 -15.71 13.84
N VAL A 99 -4.72 -16.40 13.01
CA VAL A 99 -4.51 -17.82 12.78
C VAL A 99 -3.40 -17.99 11.75
N PRO A 100 -2.39 -18.82 12.01
CA PRO A 100 -1.36 -19.04 10.98
C PRO A 100 -1.93 -19.89 9.84
N TYR A 101 -1.69 -19.43 8.63
CA TYR A 101 -1.98 -20.24 7.45
C TYR A 101 -1.04 -21.44 7.32
N GLY A 102 0.13 -21.42 7.92
CA GLY A 102 1.09 -22.49 7.78
C GLY A 102 2.53 -21.99 7.87
N GLU A 103 3.46 -22.94 7.84
CA GLU A 103 4.89 -22.62 7.76
C GLU A 103 5.18 -21.79 6.51
N THR A 104 6.02 -20.78 6.65
CA THR A 104 6.33 -19.93 5.50
C THR A 104 6.92 -20.74 4.35
N SER A 105 7.93 -21.57 4.66
CA SER A 105 8.52 -22.55 3.75
C SER A 105 7.50 -23.11 2.77
N GLU A 106 6.33 -23.49 3.28
CA GLU A 106 5.28 -24.13 2.52
C GLU A 106 4.36 -23.13 1.82
N MET A 107 4.11 -22.00 2.45
CA MET A 107 3.31 -20.97 1.81
C MET A 107 4.06 -20.41 0.60
N GLU A 108 5.37 -20.24 0.72
CA GLU A 108 6.17 -19.84 -0.43
C GLU A 108 5.83 -20.65 -1.67
N LYS A 109 5.56 -21.94 -1.48
CA LYS A 109 5.31 -22.82 -2.60
C LYS A 109 4.04 -22.45 -3.31
N VAL A 110 3.12 -21.79 -2.60
CA VAL A 110 1.75 -21.61 -3.05
C VAL A 110 1.34 -20.15 -3.14
N ILE A 111 2.10 -19.23 -2.56
CA ILE A 111 1.72 -17.81 -2.59
C ILE A 111 2.97 -16.93 -2.67
N LYS A 112 2.82 -15.82 -3.39
CA LYS A 112 3.82 -14.78 -3.36
C LYS A 112 3.82 -14.10 -1.99
N LEU A 113 4.96 -13.48 -1.65
CA LEU A 113 5.05 -12.57 -0.50
C LEU A 113 4.67 -13.31 0.78
N ALA A 114 5.15 -14.55 0.89
CA ALA A 114 4.79 -15.38 2.03
C ALA A 114 5.42 -14.90 3.32
N ASP A 115 6.56 -14.19 3.27
CA ASP A 115 7.24 -13.72 4.46
C ASP A 115 7.04 -12.21 4.73
N GLU A 116 6.16 -11.56 3.97
CA GLU A 116 5.80 -10.17 4.28
C GLU A 116 5.08 -10.06 5.63
N LYS A 117 4.03 -10.84 5.83
CA LYS A 117 3.25 -10.78 7.09
C LYS A 117 3.43 -12.12 7.84
N ALA A 118 4.60 -12.26 8.48
CA ALA A 118 4.96 -13.52 9.10
C ALA A 118 5.87 -13.26 10.30
N TYR A 119 5.94 -14.27 11.17
CA TYR A 119 6.73 -14.21 12.39
C TYR A 119 7.11 -15.64 12.77
N ASP A 120 8.31 -15.84 13.29
CA ASP A 120 8.75 -17.17 13.73
C ASP A 120 8.29 -18.27 12.76
N GLY A 121 8.52 -18.04 11.47
CA GLY A 121 8.38 -19.05 10.44
C GLY A 121 6.98 -19.37 10.02
N GLN A 122 5.98 -18.72 10.61
CA GLN A 122 4.59 -18.92 10.25
C GLN A 122 4.06 -17.69 9.53
N THR A 123 3.25 -17.92 8.50
CA THR A 123 2.69 -16.82 7.70
C THR A 123 1.29 -16.54 8.23
N TYR A 124 1.05 -15.29 8.68
CA TYR A 124 -0.22 -14.88 9.27
C TYR A 124 -1.06 -13.98 8.37
N GLY A 125 -0.49 -13.48 7.28
CA GLY A 125 -1.25 -12.68 6.37
C GLY A 125 -0.94 -12.99 4.94
N ILE A 126 -2.01 -13.00 4.14
CA ILE A 126 -1.91 -13.23 2.71
C ILE A 126 -2.37 -11.95 2.01
N ALA A 127 -1.44 -11.33 1.30
CA ALA A 127 -1.73 -10.18 0.47
C ALA A 127 -2.90 -10.48 -0.48
N ASN A 128 -3.85 -9.55 -0.54
CA ASN A 128 -4.97 -9.68 -1.47
C ASN A 128 -4.63 -9.29 -2.90
N ASN A 129 -3.39 -8.89 -3.12
CA ASN A 129 -3.01 -8.32 -4.43
C ASN A 129 -1.62 -7.75 -4.27
N GLY A 130 -0.78 -7.93 -5.29
CA GLY A 130 0.57 -7.40 -5.30
C GLY A 130 0.64 -6.12 -6.10
N VAL A 131 1.11 -5.05 -5.45
CA VAL A 131 1.04 -3.71 -6.02
C VAL A 131 2.44 -3.11 -6.17
N THR A 132 2.64 -2.42 -7.25
CA THR A 132 3.90 -1.76 -7.58
C THR A 132 3.80 -0.29 -7.22
N ALA A 133 4.92 0.29 -6.76
CA ALA A 133 4.98 1.69 -6.31
C ALA A 133 5.33 2.64 -7.46
N GLY A 134 4.34 3.35 -7.97
CA GLY A 134 4.52 4.27 -9.07
C GLY A 134 3.67 5.52 -8.92
N ILE A 135 3.28 6.13 -10.03
CA ILE A 135 2.47 7.34 -9.96
C ILE A 135 1.38 7.24 -11.02
N VAL A 136 0.15 7.53 -10.63
CA VAL A 136 -0.95 7.59 -11.59
C VAL A 136 -0.91 8.96 -12.26
N TYR A 137 -1.10 8.99 -13.58
CA TYR A 137 -1.07 10.27 -14.29
C TYR A 137 -2.08 10.26 -15.42
N ASN A 138 -2.44 11.47 -15.85
CA ASN A 138 -3.32 11.65 -16.99
C ASN A 138 -2.45 11.92 -18.20
N LYS A 139 -2.45 10.99 -19.17
CA LYS A 139 -1.57 11.19 -20.34
C LYS A 139 -2.01 12.40 -21.15
N LYS A 140 -3.32 12.65 -21.21
CA LYS A 140 -3.82 13.77 -22.01
C LYS A 140 -3.37 15.09 -21.42
N VAL A 141 -3.37 15.23 -20.11
CA VAL A 141 -2.87 16.46 -19.53
C VAL A 141 -1.38 16.63 -19.83
N PHE A 142 -0.62 15.53 -19.83
CA PHE A 142 0.82 15.59 -20.10
C PHE A 142 1.10 16.08 -21.52
N GLU A 143 0.32 15.63 -22.47
CA GLU A 143 0.45 16.06 -23.84
C GLU A 143 0.12 17.53 -23.94
N GLU A 144 -1.00 17.90 -23.34
CA GLU A 144 -1.48 19.29 -23.27
C GLU A 144 -0.30 20.12 -22.79
N ALA A 145 0.44 19.63 -21.80
CA ALA A 145 1.56 20.38 -21.29
C ALA A 145 2.80 20.29 -22.18
N GLY A 146 2.78 19.45 -23.22
CA GLY A 146 3.95 19.28 -24.04
C GLY A 146 5.09 18.51 -23.38
N ILE A 147 4.77 17.63 -22.42
CA ILE A 147 5.76 16.71 -21.84
C ILE A 147 5.94 15.59 -22.84
N LYS A 148 7.17 15.30 -23.22
CA LYS A 148 7.42 14.27 -24.23
C LYS A 148 7.85 12.95 -23.59
N GLU A 149 8.99 12.92 -22.89
CA GLU A 149 9.41 11.75 -22.14
C GLU A 149 9.01 11.91 -20.67
N LEU A 150 8.72 10.78 -20.04
CA LEU A 150 8.33 10.79 -18.63
C LEU A 150 9.52 11.19 -17.75
N PRO A 151 9.29 11.92 -16.66
CA PRO A 151 10.40 12.39 -15.82
C PRO A 151 11.00 11.27 -15.01
N LYS A 152 12.33 11.29 -14.86
CA LYS A 152 13.10 10.23 -14.15
C LYS A 152 13.89 10.77 -12.97
N THR A 153 13.85 12.05 -12.70
CA THR A 153 14.56 12.65 -11.59
C THR A 153 13.64 13.67 -10.93
N PRO A 154 13.97 14.07 -9.70
CA PRO A 154 13.06 15.00 -9.01
C PRO A 154 12.99 16.35 -9.70
N GLU A 155 14.12 16.83 -10.25
CA GLU A 155 14.16 18.10 -10.97
C GLU A 155 13.32 18.03 -12.25
N GLU A 156 13.44 16.94 -13.00
CA GLU A 156 12.60 16.74 -14.16
C GLU A 156 11.13 16.75 -13.78
N PHE A 157 10.81 16.17 -12.62
CA PHE A 157 9.43 16.05 -12.22
C PHE A 157 8.86 17.43 -11.89
N GLN A 158 9.60 18.25 -11.14
CA GLN A 158 9.12 19.59 -10.83
C GLN A 158 9.00 20.46 -12.09
N ALA A 159 9.91 20.27 -13.06
CA ALA A 159 9.82 20.99 -14.33
C ALA A 159 8.54 20.61 -15.05
N ASP A 160 8.20 19.34 -15.01
CA ASP A 160 6.96 18.91 -15.65
C ASP A 160 5.74 19.44 -14.91
N LEU A 161 5.75 19.38 -13.56
CA LEU A 161 4.64 19.95 -12.80
C LEU A 161 4.41 21.42 -13.21
N LYS A 162 5.51 22.18 -13.31
CA LYS A 162 5.41 23.58 -13.70
C LYS A 162 4.81 23.74 -15.09
N LEU A 163 5.18 22.87 -16.03
CA LEU A 163 4.56 22.91 -17.34
C LEU A 163 3.06 22.67 -17.25
N ILE A 164 2.64 21.75 -16.35
CA ILE A 164 1.23 21.45 -16.24
C ILE A 164 0.50 22.64 -15.61
N LYS A 165 1.12 23.28 -14.62
CA LYS A 165 0.50 24.40 -13.98
C LYS A 165 0.31 25.55 -14.98
N GLU A 166 1.23 25.71 -15.93
CA GLU A 166 1.22 26.93 -16.73
C GLU A 166 0.41 26.79 -18.00
N LYS A 167 0.38 25.59 -18.56
CA LYS A 167 -0.21 25.34 -19.87
C LYS A 167 -1.52 24.54 -19.84
N THR A 168 -1.97 24.08 -18.67
CA THR A 168 -3.23 23.34 -18.56
C THR A 168 -4.02 23.88 -17.36
N LYS A 169 -5.22 23.33 -17.18
CA LYS A 169 -6.10 23.68 -16.09
C LYS A 169 -6.06 22.67 -14.96
N ALA A 170 -5.19 21.67 -15.04
CA ALA A 170 -5.19 20.58 -14.09
C ALA A 170 -4.31 20.93 -12.89
N VAL A 171 -4.78 20.55 -11.72
CA VAL A 171 -3.91 20.43 -10.56
C VAL A 171 -2.76 19.51 -10.95
N PRO A 172 -1.52 20.00 -10.90
CA PRO A 172 -0.39 19.12 -11.26
C PRO A 172 -0.26 17.87 -10.39
N LEU A 173 -0.24 18.04 -9.07
CA LEU A 173 -0.17 16.93 -8.13
C LEU A 173 -1.16 17.16 -6.98
N TYR A 174 -2.13 16.27 -6.83
CA TYR A 174 -3.20 16.38 -5.83
C TYR A 174 -2.82 15.57 -4.60
N THR A 175 -2.72 16.21 -3.42
CA THR A 175 -2.09 15.52 -2.29
C THR A 175 -3.00 14.47 -1.65
N ASN A 176 -4.32 14.65 -1.77
CA ASN A 176 -5.33 13.96 -0.94
C ASN A 176 -5.00 14.09 0.54
N PHE A 177 -4.51 15.26 0.94
CA PHE A 177 -4.11 15.57 2.31
C PHE A 177 -5.07 15.03 3.39
N VAL A 178 -6.40 15.17 3.23
CA VAL A 178 -7.29 14.78 4.33
C VAL A 178 -7.34 13.27 4.54
N GLU A 179 -7.01 12.46 3.54
CA GLU A 179 -6.89 11.02 3.73
C GLU A 179 -5.54 10.68 4.37
N ASP A 180 -5.55 10.35 5.67
CA ASP A 180 -4.33 9.95 6.38
C ASP A 180 -3.54 8.87 5.60
N TRP A 181 -4.25 7.91 5.00
CA TRP A 181 -3.53 6.82 4.33
C TRP A 181 -2.87 7.30 3.04
N ALA A 182 -3.47 8.29 2.36
CA ALA A 182 -2.93 8.81 1.10
C ALA A 182 -1.63 9.56 1.34
N MET A 183 -1.56 10.29 2.45
CA MET A 183 -0.30 10.89 2.87
C MET A 183 0.69 9.83 3.37
N GLY A 184 0.22 8.85 4.16
CA GLY A 184 1.11 7.79 4.61
C GLY A 184 1.73 7.02 3.45
N ALA A 185 1.11 7.12 2.26
CA ALA A 185 1.57 6.37 1.10
C ALA A 185 2.95 6.79 0.62
N TRP A 186 3.40 8.00 0.97
CA TRP A 186 4.69 8.45 0.48
C TRP A 186 5.83 7.61 1.02
N ASP A 187 5.62 6.93 2.15
CA ASP A 187 6.61 6.04 2.74
C ASP A 187 6.85 4.79 1.89
N GLN A 188 5.92 4.43 1.01
CA GLN A 188 6.07 3.28 0.12
C GLN A 188 7.11 3.50 -0.99
N TYR A 189 7.83 4.63 -1.00
CA TYR A 189 8.74 5.04 -2.06
C TYR A 189 10.18 5.25 -1.58
N ILE A 190 10.43 5.22 -0.28
CA ILE A 190 11.70 5.73 0.26
C ILE A 190 12.79 4.67 0.36
N ALA A 191 12.45 3.38 0.15
CA ALA A 191 13.41 2.28 0.35
C ALA A 191 13.79 1.73 -1.01
N GLY A 192 13.12 0.69 -1.51
CA GLY A 192 13.52 0.13 -2.80
C GLY A 192 13.51 1.16 -3.93
N ASN A 193 12.43 1.96 -4.01
CA ASN A 193 12.29 2.90 -5.11
C ASN A 193 13.39 3.95 -5.07
N ALA A 194 13.76 4.44 -3.90
CA ALA A 194 14.70 5.52 -3.85
C ALA A 194 16.14 5.09 -3.74
N THR A 195 16.42 3.81 -3.44
CA THR A 195 17.80 3.38 -3.23
C THR A 195 18.19 2.22 -4.13
N GLY A 196 17.25 1.55 -4.76
CA GLY A 196 17.55 0.36 -5.51
C GLY A 196 18.03 -0.81 -4.69
N ASP A 197 18.05 -0.69 -3.34
CA ASP A 197 18.56 -1.71 -2.44
C ASP A 197 17.44 -2.48 -1.76
N PRO A 198 17.20 -3.74 -2.15
CA PRO A 198 16.18 -4.56 -1.47
C PRO A 198 16.39 -4.71 0.03
N LYS A 199 17.61 -4.49 0.52
CA LYS A 199 17.87 -4.61 1.95
C LYS A 199 17.73 -3.28 2.68
N PHE A 200 17.43 -2.19 1.98
CA PHE A 200 17.36 -0.93 2.69
C PHE A 200 16.33 -0.99 3.82
N MET A 201 15.11 -1.46 3.52
CA MET A 201 13.99 -1.28 4.46
C MET A 201 14.25 -1.96 5.80
N ASN A 202 14.62 -3.24 5.76
CA ASN A 202 14.74 -4.06 6.95
C ASN A 202 16.15 -4.16 7.53
N GLN A 203 17.18 -3.67 6.84
CA GLN A 203 18.52 -3.71 7.39
C GLN A 203 19.14 -2.33 7.52
N VAL A 204 19.18 -1.55 6.44
CA VAL A 204 19.98 -0.33 6.44
C VAL A 204 19.27 0.74 7.27
N LEU A 205 18.00 0.94 7.01
CA LEU A 205 17.18 1.96 7.67
C LEU A 205 17.26 1.86 9.20
N PRO A 206 16.96 0.71 9.83
CA PRO A 206 16.97 0.64 11.30
C PRO A 206 18.36 0.55 11.94
N THR A 207 19.43 0.46 11.16
CA THR A 207 20.81 0.59 11.66
C THR A 207 21.47 1.91 11.24
N THR A 208 20.72 2.84 10.63
CA THR A 208 21.23 4.15 10.23
C THR A 208 20.61 5.23 11.10
N LYS A 209 21.44 5.95 11.86
CA LYS A 209 20.93 6.99 12.75
C LYS A 209 20.18 8.09 12.00
N GLU A 210 20.72 8.57 10.88
CA GLU A 210 20.17 9.76 10.21
C GLU A 210 19.84 9.49 8.74
N PRO A 211 18.89 8.59 8.49
CA PRO A 211 18.58 8.16 7.12
C PRO A 211 17.77 9.13 6.29
N PHE A 212 17.21 10.19 6.89
CA PHE A 212 16.37 11.15 6.18
C PHE A 212 17.17 12.35 5.72
N LYS A 213 18.46 12.41 6.03
CA LYS A 213 19.24 13.52 5.54
C LYS A 213 19.55 13.33 4.07
N LYS A 214 19.80 14.44 3.39
CA LYS A 214 20.26 14.41 2.02
C LYS A 214 21.47 13.49 1.89
N ASP A 215 21.41 12.59 0.91
CA ASP A 215 22.53 11.73 0.53
C ASP A 215 23.55 12.55 -0.25
N ALA A 216 24.76 12.67 0.29
CA ALA A 216 25.69 13.65 -0.23
C ALA A 216 26.30 13.20 -1.55
N SER A 217 26.56 11.91 -1.70
CA SER A 217 27.12 11.41 -2.94
C SER A 217 26.08 11.29 -4.04
N ALA A 218 24.81 11.07 -3.70
CA ALA A 218 23.74 10.91 -4.69
C ALA A 218 22.52 11.67 -4.21
N PRO A 219 22.55 13.01 -4.31
CA PRO A 219 21.54 13.84 -3.62
C PRO A 219 20.12 13.71 -4.18
N ASP A 220 19.96 13.16 -5.37
CA ASP A 220 18.66 12.98 -5.99
C ASP A 220 18.09 11.60 -5.75
N THR A 221 18.56 10.90 -4.70
CA THR A 221 18.12 9.56 -4.32
C THR A 221 17.79 9.56 -2.82
N HIS A 222 17.44 8.36 -2.30
CA HIS A 222 17.31 8.06 -0.88
C HIS A 222 16.07 8.79 -0.30
N PRO A 223 15.67 8.52 0.94
CA PRO A 223 14.36 9.02 1.41
C PRO A 223 14.20 10.54 1.30
N TYR A 224 15.24 11.30 1.60
CA TYR A 224 15.19 12.73 1.36
C TYR A 224 14.60 13.09 0.00
N ALA A 225 14.99 12.39 -1.06
CA ALA A 225 14.56 12.84 -2.37
C ALA A 225 13.06 12.68 -2.54
N VAL A 226 12.51 11.63 -1.92
CA VAL A 226 11.07 11.42 -1.94
C VAL A 226 10.38 12.55 -1.21
N TYR A 227 10.80 12.83 0.03
CA TYR A 227 10.02 13.76 0.83
C TYR A 227 10.12 15.17 0.28
N LYS A 228 11.30 15.55 -0.24
CA LYS A 228 11.47 16.83 -0.91
C LYS A 228 10.57 16.94 -2.12
N THR A 229 10.37 15.84 -2.86
CA THR A 229 9.45 15.91 -4.00
C THR A 229 8.10 16.45 -3.55
N LEU A 230 7.57 15.93 -2.43
CA LEU A 230 6.29 16.44 -1.94
C LEU A 230 6.43 17.88 -1.49
N TYR A 231 7.46 18.17 -0.70
CA TYR A 231 7.65 19.50 -0.17
C TYR A 231 7.68 20.52 -1.32
N ASP A 232 8.44 20.21 -2.37
CA ASP A 232 8.66 21.20 -3.43
C ASP A 232 7.39 21.43 -4.20
N ALA A 233 6.66 20.34 -4.50
CA ALA A 233 5.37 20.44 -5.18
C ALA A 233 4.44 21.40 -4.42
N VAL A 234 4.31 21.22 -3.11
CA VAL A 234 3.42 22.10 -2.34
C VAL A 234 3.95 23.53 -2.34
N ALA A 235 5.25 23.68 -2.07
CA ALA A 235 5.79 25.00 -1.77
C ALA A 235 5.93 25.85 -3.03
N ASN A 236 6.13 25.23 -4.17
CA ASN A 236 6.14 25.94 -5.45
C ASN A 236 4.74 26.21 -6.00
N GLY A 237 3.68 25.78 -5.34
CA GLY A 237 2.33 26.06 -5.83
C GLY A 237 1.77 25.11 -6.86
N TYR A 238 2.31 23.88 -6.95
CA TYR A 238 1.90 22.85 -7.88
C TYR A 238 0.88 21.85 -7.32
N THR A 239 0.37 22.06 -6.13
CA THR A 239 -0.65 21.17 -5.59
C THR A 239 -1.98 21.91 -5.54
N GLU A 240 -3.03 21.25 -5.02
CA GLU A 240 -4.34 21.91 -4.92
C GLU A 240 -4.23 23.23 -4.17
N GLU A 241 -5.24 24.08 -4.34
CA GLU A 241 -5.22 25.38 -3.70
C GLU A 241 -5.44 25.27 -2.20
N ASP A 242 -6.30 24.35 -1.77
CA ASP A 242 -6.70 24.21 -0.37
C ASP A 242 -6.51 22.77 0.09
N TYR A 243 -5.37 22.48 0.71
CA TYR A 243 -5.10 21.11 1.13
C TYR A 243 -6.10 20.64 2.20
N SER A 244 -6.60 21.54 3.05
CA SER A 244 -7.51 21.15 4.13
C SER A 244 -8.84 20.56 3.65
N THR A 245 -9.20 20.73 2.37
CA THR A 245 -10.49 20.25 1.88
C THR A 245 -10.35 19.29 0.69
N THR A 246 -9.24 18.55 0.60
CA THR A 246 -9.17 17.57 -0.47
C THR A 246 -10.27 16.55 -0.29
N ASP A 247 -10.70 15.94 -1.41
CA ASP A 247 -11.73 14.92 -1.33
C ASP A 247 -11.37 13.73 -2.20
N TRP A 248 -11.21 12.58 -1.56
CA TRP A 248 -10.69 11.42 -2.26
C TRP A 248 -11.68 10.87 -3.30
N GLU A 249 -12.96 10.79 -2.97
CA GLU A 249 -13.87 10.17 -3.94
C GLU A 249 -13.98 11.03 -5.20
N SER A 250 -14.16 12.34 -5.01
CA SER A 250 -14.14 13.31 -6.10
C SER A 250 -12.92 13.18 -7.00
N SER A 251 -11.78 12.88 -6.40
CA SER A 251 -10.54 13.05 -7.14
C SER A 251 -10.41 12.01 -8.23
N LYS A 252 -11.08 10.87 -8.04
CA LYS A 252 -11.08 9.85 -9.08
C LYS A 252 -11.66 10.40 -10.36
N GLY A 253 -12.93 10.83 -10.32
CA GLY A 253 -13.55 11.38 -11.51
C GLY A 253 -12.75 12.54 -12.05
N LYS A 254 -12.28 13.42 -11.16
CA LYS A 254 -11.50 14.59 -11.58
C LYS A 254 -10.27 14.20 -12.41
N MET A 255 -9.54 13.15 -12.00
CA MET A 255 -8.36 12.78 -12.77
C MET A 255 -8.74 12.08 -14.06
N ASN A 256 -9.83 11.32 -14.02
CA ASN A 256 -10.37 10.73 -15.23
C ASN A 256 -10.66 11.81 -16.26
N ASN A 257 -11.13 12.97 -15.80
CA ASN A 257 -11.61 14.04 -16.66
C ASN A 257 -10.56 15.12 -16.91
N GLY A 258 -9.31 14.90 -16.49
CA GLY A 258 -8.23 15.81 -16.78
C GLY A 258 -8.08 16.99 -15.84
N GLU A 259 -8.78 17.00 -14.72
CA GLU A 259 -8.68 18.11 -13.78
C GLU A 259 -7.55 17.93 -12.78
N ILE A 260 -6.98 16.73 -12.78
CA ILE A 260 -5.82 16.39 -11.97
C ILE A 260 -4.82 15.67 -12.87
N ALA A 261 -3.54 16.03 -12.76
CA ALA A 261 -2.52 15.41 -13.61
C ALA A 261 -1.80 14.22 -12.97
N THR A 262 -1.42 14.32 -11.68
CA THR A 262 -0.71 13.24 -11.00
C THR A 262 -1.23 13.01 -9.57
N MET A 263 -1.11 11.75 -9.12
CA MET A 263 -1.37 11.37 -7.74
C MET A 263 -0.39 10.29 -7.36
N VAL A 264 0.23 10.43 -6.20
CA VAL A 264 1.30 9.50 -5.82
C VAL A 264 0.63 8.40 -4.98
N LEU A 265 0.28 7.29 -5.64
CA LEU A 265 -0.46 6.16 -5.10
C LEU A 265 0.01 4.89 -5.79
N GLY A 266 -0.18 3.75 -5.12
CA GLY A 266 0.20 2.49 -5.69
C GLY A 266 -0.70 2.04 -6.81
N ALA A 267 -0.25 0.97 -7.45
CA ALA A 267 -0.85 0.55 -8.71
C ALA A 267 -2.29 0.10 -8.55
N TRP A 268 -2.70 -0.31 -7.33
CA TRP A 268 -4.12 -0.58 -7.11
C TRP A 268 -4.99 0.59 -7.59
N ALA A 269 -4.48 1.80 -7.51
CA ALA A 269 -5.35 2.97 -7.76
C ALA A 269 -5.72 3.11 -9.23
N VAL A 270 -4.98 2.50 -10.15
CA VAL A 270 -5.22 2.78 -11.56
C VAL A 270 -6.65 2.44 -12.00
N PRO A 271 -7.11 1.19 -11.87
CA PRO A 271 -8.47 0.89 -12.35
C PRO A 271 -9.54 1.71 -11.68
N GLN A 272 -9.32 2.13 -10.44
CA GLN A 272 -10.29 2.97 -9.77
C GLN A 272 -10.39 4.32 -10.47
N MET A 273 -9.26 4.86 -10.95
CA MET A 273 -9.33 6.11 -11.69
C MET A 273 -9.97 5.88 -13.04
N LYS A 274 -9.63 4.75 -13.68
CA LYS A 274 -10.10 4.48 -15.02
C LYS A 274 -11.61 4.39 -15.04
N GLN A 275 -12.20 3.78 -14.02
CA GLN A 275 -13.64 3.58 -14.02
C GLN A 275 -14.41 4.77 -13.49
N ALA A 276 -13.70 5.78 -12.96
CA ALA A 276 -14.35 6.96 -12.44
C ALA A 276 -14.93 7.87 -13.52
N GLY A 277 -14.65 7.63 -14.79
CA GLY A 277 -15.27 8.48 -15.80
C GLY A 277 -15.10 7.86 -17.18
N ASP A 278 -15.53 8.65 -18.19
CA ASP A 278 -15.59 8.19 -19.58
C ASP A 278 -14.23 8.20 -20.28
N HIS A 279 -13.14 8.50 -19.59
CA HIS A 279 -11.86 8.67 -20.25
C HIS A 279 -10.83 7.69 -19.68
N PRO A 280 -11.12 6.38 -19.64
CA PRO A 280 -10.16 5.44 -19.05
C PRO A 280 -8.83 5.39 -19.75
N ASP A 281 -8.81 5.49 -21.07
CA ASP A 281 -7.52 5.31 -21.75
C ASP A 281 -6.56 6.48 -21.51
N ASP A 282 -7.05 7.56 -20.93
CA ASP A 282 -6.23 8.71 -20.54
C ASP A 282 -5.47 8.50 -19.24
N ILE A 283 -5.73 7.44 -18.49
CA ILE A 283 -5.02 7.19 -17.24
C ILE A 283 -3.84 6.28 -17.55
N GLY A 284 -2.66 6.67 -17.10
CA GLY A 284 -1.51 5.81 -17.17
C GLY A 284 -0.88 5.69 -15.81
N TYR A 285 0.19 4.91 -15.78
CA TYR A 285 0.97 4.67 -14.58
C TYR A 285 2.42 4.80 -14.97
N MET A 286 3.18 5.52 -14.17
CA MET A 286 4.57 5.78 -14.44
C MET A 286 5.43 5.46 -13.22
N PRO A 287 6.71 5.25 -13.42
CA PRO A 287 7.61 5.07 -12.27
C PRO A 287 7.74 6.36 -11.49
N PHE A 288 7.99 6.22 -10.19
CA PHE A 288 8.34 7.38 -9.40
C PHE A 288 9.66 7.97 -9.91
N PRO A 289 9.78 9.32 -10.01
CA PRO A 289 10.91 10.00 -10.71
C PRO A 289 12.19 10.08 -9.87
N ILE A 290 12.73 8.91 -9.54
CA ILE A 290 14.08 8.79 -9.02
C ILE A 290 14.83 7.81 -9.92
N THR A 291 16.07 8.15 -10.21
CA THR A 291 17.00 7.24 -10.89
C THR A 291 18.17 6.99 -9.96
N VAL A 292 18.58 5.74 -9.86
CA VAL A 292 19.73 5.38 -9.02
C VAL A 292 20.81 4.81 -9.93
N ASP A 293 21.88 5.57 -10.12
CA ASP A 293 22.98 5.13 -10.97
C ASP A 293 22.47 4.50 -12.27
N GLY A 294 21.69 5.29 -13.03
CA GLY A 294 21.24 4.87 -14.33
C GLY A 294 20.03 3.93 -14.39
N LYS A 295 19.54 3.41 -13.27
CA LYS A 295 18.37 2.53 -13.30
C LYS A 295 17.27 3.08 -12.40
N GLN A 296 16.03 2.80 -12.81
CA GLN A 296 14.86 3.05 -11.97
C GLN A 296 14.37 1.74 -11.37
N TYR A 297 13.88 1.86 -10.16
CA TYR A 297 13.44 0.74 -9.34
C TYR A 297 12.04 1.01 -8.80
N ALA A 298 11.23 -0.03 -8.77
CA ALA A 298 9.91 0.01 -8.15
C ALA A 298 9.73 -1.24 -7.29
N THR A 299 9.45 -1.00 -6.03
CA THR A 299 9.11 -2.04 -5.06
C THR A 299 7.74 -2.65 -5.33
N ILE A 300 7.72 -3.99 -5.36
CA ILE A 300 6.50 -4.79 -5.32
C ILE A 300 6.23 -5.19 -3.88
N ALA A 301 5.00 -4.99 -3.43
CA ALA A 301 4.61 -5.33 -2.07
C ALA A 301 3.14 -5.67 -2.07
N GLY A 302 2.68 -6.17 -0.91
CA GLY A 302 1.29 -6.51 -0.76
C GLY A 302 0.43 -5.26 -0.52
N ASP A 303 -0.70 -5.24 -1.19
CA ASP A 303 -1.84 -4.47 -0.68
C ASP A 303 -2.35 -5.17 0.58
N TYR A 304 -3.43 -4.64 1.17
CA TYR A 304 -3.93 -5.20 2.42
C TYR A 304 -3.90 -6.73 2.42
N SER A 305 -3.52 -7.30 3.56
CA SER A 305 -3.49 -8.75 3.74
C SER A 305 -4.63 -9.31 4.59
N TYR A 306 -5.14 -10.47 4.19
CA TYR A 306 -6.15 -11.19 4.96
C TYR A 306 -5.58 -11.77 6.26
N GLY A 307 -6.31 -11.57 7.35
CA GLY A 307 -5.96 -12.14 8.64
C GLY A 307 -7.17 -12.79 9.27
N ILE A 308 -6.94 -13.95 9.88
CA ILE A 308 -8.04 -14.75 10.44
C ILE A 308 -8.00 -14.68 11.96
N ASN A 309 -9.12 -14.28 12.54
CA ASN A 309 -9.23 -14.13 13.98
C ASN A 309 -9.01 -15.47 14.69
N LYS A 310 -8.06 -15.51 15.64
CA LYS A 310 -7.75 -16.74 16.35
C LYS A 310 -8.76 -17.06 17.44
N ASN A 311 -9.69 -16.17 17.75
CA ASN A 311 -10.68 -16.39 18.81
C ASN A 311 -11.92 -17.17 18.35
N ILE A 312 -12.13 -17.33 17.05
CA ILE A 312 -13.38 -17.92 16.58
C ILE A 312 -13.27 -19.44 16.60
N SER A 313 -14.41 -20.10 16.45
CA SER A 313 -14.48 -21.56 16.47
C SER A 313 -13.65 -22.16 15.35
N LYS A 314 -13.23 -23.40 15.56
CA LYS A 314 -12.49 -24.20 14.56
C LYS A 314 -13.30 -24.19 13.26
N GLU A 315 -14.62 -24.32 13.33
CA GLU A 315 -15.43 -24.33 12.12
C GLU A 315 -15.37 -22.99 11.38
N LYS A 316 -15.36 -21.86 12.11
CA LYS A 316 -15.36 -20.56 11.44
C LYS A 316 -13.97 -20.21 10.93
N GLN A 317 -12.92 -20.57 11.65
CA GLN A 317 -11.58 -20.48 11.10
C GLN A 317 -11.48 -21.16 9.73
N GLU A 318 -12.06 -22.36 9.59
CA GLU A 318 -11.89 -23.10 8.36
C GLU A 318 -12.58 -22.39 7.20
N ALA A 319 -13.86 -22.06 7.37
CA ALA A 319 -14.58 -21.38 6.31
C ALA A 319 -13.89 -20.07 5.92
N SER A 320 -13.32 -19.37 6.91
CA SER A 320 -12.52 -18.17 6.64
C SER A 320 -11.30 -18.49 5.76
N MET A 321 -10.48 -19.45 6.18
CA MET A 321 -9.33 -19.84 5.37
C MET A 321 -9.74 -20.30 3.97
N ILE A 322 -10.91 -20.94 3.84
CA ILE A 322 -11.43 -21.33 2.53
C ILE A 322 -11.79 -20.11 1.70
N PHE A 323 -12.44 -19.12 2.31
CA PHE A 323 -12.81 -17.94 1.55
C PHE A 323 -11.58 -17.17 1.11
N VAL A 324 -10.56 -17.14 1.96
CA VAL A 324 -9.28 -16.57 1.56
C VAL A 324 -8.70 -17.34 0.37
N LYS A 325 -8.52 -18.66 0.53
CA LYS A 325 -7.99 -19.50 -0.55
C LYS A 325 -8.73 -19.24 -1.85
N TRP A 326 -10.05 -19.17 -1.80
CA TRP A 326 -10.82 -18.88 -3.00
C TRP A 326 -10.54 -17.48 -3.52
N MET A 327 -10.65 -16.44 -2.67
CA MET A 327 -10.31 -15.09 -3.11
C MET A 327 -8.96 -15.08 -3.81
N THR A 328 -7.99 -15.80 -3.24
CA THR A 328 -6.64 -15.79 -3.76
C THR A 328 -6.56 -16.49 -5.12
N GLU A 329 -7.07 -17.72 -5.20
CA GLU A 329 -6.81 -18.56 -6.36
C GLU A 329 -7.88 -18.46 -7.43
N ASP A 330 -9.15 -18.21 -7.09
CA ASP A 330 -10.23 -18.31 -8.05
C ASP A 330 -11.05 -17.05 -8.24
N SER A 331 -10.89 -16.01 -7.39
CA SER A 331 -11.78 -14.85 -7.53
C SER A 331 -11.35 -13.96 -8.69
N GLY A 332 -10.04 -13.84 -8.89
CA GLY A 332 -9.53 -12.86 -9.84
C GLY A 332 -9.62 -11.44 -9.35
N PHE A 333 -9.78 -11.24 -8.04
CA PHE A 333 -9.76 -9.91 -7.44
C PHE A 333 -8.51 -9.11 -7.84
N ALA A 334 -7.33 -9.72 -7.69
CA ALA A 334 -6.08 -8.98 -7.80
C ALA A 334 -5.93 -8.37 -9.20
N LYS A 335 -6.39 -8.77 -10.29
CA LYS A 335 -6.32 -8.24 -11.64
C LYS A 335 -7.38 -7.15 -11.86
N ASN A 336 -8.43 -7.80 -11.45
CA ASN A 336 -9.49 -6.82 -11.63
C ASN A 336 -9.15 -5.53 -10.92
N GLU A 337 -8.52 -5.63 -9.75
CA GLU A 337 -8.12 -4.45 -9.00
C GLU A 337 -6.67 -4.06 -9.27
N GLY A 338 -6.20 -4.38 -10.48
CA GLY A 338 -5.06 -3.68 -11.07
C GLY A 338 -3.70 -4.07 -10.56
N GLY A 339 -3.55 -5.27 -10.03
CA GLY A 339 -2.25 -5.68 -9.56
C GLY A 339 -1.88 -7.10 -9.91
N ILE A 340 -0.95 -7.64 -9.14
CA ILE A 340 -0.32 -8.94 -9.42
C ILE A 340 -1.01 -10.00 -8.56
N PRO A 341 -1.58 -11.04 -9.16
CA PRO A 341 -2.20 -12.08 -8.34
C PRO A 341 -1.17 -12.78 -7.48
N ILE A 342 -1.63 -13.21 -6.31
CA ILE A 342 -0.75 -13.68 -5.25
C ILE A 342 -0.60 -15.20 -5.26
N LYS A 343 -1.45 -15.92 -5.99
CA LYS A 343 -1.24 -17.36 -6.16
C LYS A 343 0.12 -17.57 -6.80
N ALA A 344 0.93 -18.47 -6.24
CA ALA A 344 2.30 -18.67 -6.73
C ALA A 344 2.25 -19.57 -7.95
N ASP A 345 2.28 -18.97 -9.14
CA ASP A 345 2.46 -19.72 -10.39
C ASP A 345 3.54 -19.06 -11.24
N GLU A 351 3.07 -9.15 -17.88
CA GLU A 351 3.84 -7.97 -18.26
C GLU A 351 3.01 -6.71 -18.03
N THR A 352 3.48 -5.84 -17.13
CA THR A 352 2.68 -4.69 -16.72
C THR A 352 2.88 -3.53 -17.68
N TYR A 353 2.79 -2.31 -17.17
CA TYR A 353 2.81 -1.15 -18.02
C TYR A 353 4.12 -1.04 -18.80
N GLU A 354 4.00 -0.57 -20.05
CA GLU A 354 5.20 -0.36 -20.85
C GLU A 354 6.11 0.66 -20.20
N THR A 355 5.56 1.63 -19.47
CA THR A 355 6.41 2.62 -18.84
C THR A 355 7.37 2.00 -17.83
N PHE A 356 7.20 0.72 -17.48
CA PHE A 356 8.04 0.06 -16.48
C PHE A 356 9.02 -0.95 -17.08
N SER A 357 9.10 -1.07 -18.40
CA SER A 357 9.89 -2.15 -19.00
C SER A 357 11.37 -2.04 -18.67
N ASP A 358 11.88 -0.83 -18.44
CA ASP A 358 13.27 -0.66 -17.99
C ASP A 358 13.39 -0.57 -16.47
N VAL A 359 12.30 -0.73 -15.73
CA VAL A 359 12.35 -0.62 -14.28
C VAL A 359 12.72 -2.00 -13.70
N GLU A 360 13.71 -2.02 -12.82
CA GLU A 360 13.98 -3.18 -12.01
C GLU A 360 12.97 -3.27 -10.87
N LEU A 361 12.23 -4.37 -10.85
CA LEU A 361 11.23 -4.64 -9.82
C LEU A 361 11.90 -5.41 -8.69
N ILE A 362 11.87 -4.82 -7.49
CA ILE A 362 12.49 -5.44 -6.34
C ILE A 362 11.47 -5.55 -5.22
N THR A 363 11.75 -6.48 -4.30
CA THR A 363 10.96 -6.70 -3.10
C THR A 363 11.87 -6.69 -1.87
N ASP A 364 11.37 -6.12 -0.77
CA ASP A 364 12.21 -5.97 0.42
C ASP A 364 12.72 -7.33 0.92
N ALA A 365 14.01 -7.41 1.23
CA ALA A 365 14.50 -8.67 1.78
C ALA A 365 14.38 -8.70 3.29
N PRO A 366 14.41 -9.87 3.90
CA PRO A 366 14.26 -9.94 5.36
C PRO A 366 15.49 -9.39 6.03
N ALA A 367 15.28 -9.00 7.28
CA ALA A 367 16.42 -8.67 8.12
C ALA A 367 17.38 -9.86 8.23
N LYS A 368 18.60 -9.58 8.68
CA LYS A 368 19.50 -10.62 9.07
C LYS A 368 18.96 -11.32 10.33
N GLU A 369 19.42 -12.55 10.55
CA GLU A 369 18.95 -13.34 11.69
C GLU A 369 19.11 -12.60 13.01
N GLY A 370 18.06 -12.68 13.85
CA GLY A 370 17.98 -11.94 15.09
C GLY A 370 17.75 -10.45 14.96
N GLN A 371 17.51 -9.92 13.75
CA GLN A 371 17.18 -8.51 13.59
C GLN A 371 15.82 -8.31 12.94
N GLU A 372 14.99 -9.36 12.90
CA GLU A 372 13.69 -9.25 12.24
C GLU A 372 12.81 -8.17 12.87
N ASP A 373 12.91 -7.95 14.19
CA ASP A 373 12.06 -7.02 14.92
C ASP A 373 12.71 -5.65 15.08
N LEU A 374 13.87 -5.44 14.45
CA LEU A 374 14.58 -4.18 14.69
C LEU A 374 13.83 -2.98 14.12
N LEU A 375 13.40 -3.07 12.87
CA LEU A 375 12.71 -1.95 12.28
C LEU A 375 11.48 -1.57 13.10
N ALA A 376 10.68 -2.56 13.50
CA ALA A 376 9.45 -2.25 14.22
C ALA A 376 9.74 -1.59 15.55
N ASN A 377 10.86 -1.95 16.18
CA ASN A 377 11.21 -1.42 17.48
C ASN A 377 11.79 -0.01 17.38
N VAL A 378 12.63 0.25 16.38
CA VAL A 378 13.08 1.62 16.14
C VAL A 378 11.90 2.49 15.74
N ASN A 379 11.00 1.95 14.91
CA ASN A 379 9.84 2.68 14.47
C ASN A 379 8.98 3.09 15.65
N SER A 380 8.73 2.13 16.56
CA SER A 380 7.91 2.38 17.75
C SER A 380 8.52 3.42 18.66
N ASP A 381 9.84 3.33 18.91
CA ASP A 381 10.51 4.27 19.79
C ASP A 381 10.63 5.69 19.19
N SER A 382 10.78 5.81 17.87
CA SER A 382 10.91 7.10 17.23
C SER A 382 9.56 7.76 16.97
N GLU A 383 8.50 6.95 16.96
CA GLU A 383 7.13 7.35 16.66
C GLU A 383 7.00 8.01 15.29
N LEU A 384 7.92 7.63 14.37
CA LEU A 384 7.81 8.10 13.00
C LEU A 384 6.86 7.24 12.20
N GLY A 385 6.67 5.98 12.61
CA GLY A 385 5.74 5.14 11.90
C GLY A 385 6.07 4.97 10.43
N ILE A 386 7.34 4.77 10.10
CA ILE A 386 7.76 4.61 8.71
C ILE A 386 6.96 3.46 8.11
N ASN A 387 6.20 3.78 7.08
CA ASN A 387 5.49 2.79 6.28
C ASN A 387 4.46 2.00 7.08
N ASN A 388 3.87 2.63 8.10
CA ASN A 388 2.73 2.12 8.86
C ASN A 388 1.42 2.72 8.38
N GLY A 389 1.36 4.05 8.36
CA GLY A 389 0.13 4.81 8.29
C GLY A 389 0.15 5.94 9.31
N ASN A 390 1.32 6.25 9.88
CA ASN A 390 1.54 7.63 10.32
C ASN A 390 1.64 8.46 9.02
N GLY A 391 0.46 8.72 8.46
CA GLY A 391 0.31 9.85 7.53
C GLY A 391 0.50 11.18 8.20
N LYS A 392 0.60 11.20 9.52
CA LYS A 392 0.61 12.48 10.21
C LYS A 392 1.86 13.27 9.89
N LYS A 393 3.02 12.60 9.88
CA LYS A 393 4.25 13.33 9.65
C LYS A 393 4.28 13.86 8.23
N ILE A 394 3.65 13.15 7.30
CA ILE A 394 3.58 13.64 5.92
C ILE A 394 2.62 14.83 5.83
N GLN A 395 1.49 14.78 6.57
CA GLN A 395 0.62 15.95 6.66
C GLN A 395 1.41 17.14 7.18
N ASP A 396 2.36 16.88 8.08
CA ASP A 396 3.20 17.93 8.62
C ASP A 396 4.01 18.59 7.51
N ILE A 397 4.47 17.80 6.55
CA ILE A 397 5.28 18.33 5.46
C ILE A 397 4.44 19.30 4.65
N VAL A 398 3.23 18.88 4.28
CA VAL A 398 2.37 19.71 3.44
C VAL A 398 2.12 21.05 4.13
N VAL A 399 1.81 21.00 5.42
CA VAL A 399 1.39 22.19 6.15
C VAL A 399 2.53 23.20 6.21
N ASP A 400 3.73 22.72 6.51
CA ASP A 400 4.88 23.60 6.70
C ASP A 400 5.49 24.03 5.39
N ALA A 401 5.41 23.21 4.34
CA ALA A 401 5.77 23.71 3.03
C ALA A 401 4.81 24.80 2.60
N ALA A 402 3.55 24.71 3.01
CA ALA A 402 2.58 25.67 2.51
C ALA A 402 2.63 26.98 3.27
N ASN A 403 2.93 26.92 4.57
CA ASN A 403 3.07 28.12 5.40
C ASN A 403 4.51 28.58 5.50
N ARG A 404 5.43 27.83 4.87
CA ARG A 404 6.83 28.23 4.69
C ARG A 404 7.57 28.39 6.03
N THR A 405 7.08 27.78 7.10
CA THR A 405 7.73 27.95 8.41
C THR A 405 8.97 27.08 8.56
N ARG A 406 9.14 26.05 7.74
CA ARG A 406 10.29 25.16 7.84
C ARG A 406 10.67 24.69 6.45
N THR A 407 11.98 24.63 6.19
CA THR A 407 12.56 23.95 5.03
C THR A 407 12.52 22.43 5.20
N ILE A 408 12.65 21.70 4.09
CA ILE A 408 12.67 20.23 4.15
C ILE A 408 13.88 19.75 4.93
N ASP A 409 15.03 20.40 4.75
CA ASP A 409 16.18 20.10 5.61
C ASP A 409 15.82 20.15 7.09
N GLN A 410 15.10 21.21 7.52
CA GLN A 410 14.72 21.30 8.93
C GLN A 410 13.75 20.18 9.33
N ILE A 411 12.75 19.89 8.49
CA ILE A 411 11.86 18.78 8.76
C ILE A 411 12.63 17.48 8.86
N MET A 412 13.48 17.20 7.88
CA MET A 412 14.18 15.92 7.92
C MET A 412 15.10 15.81 9.14
N ASP A 413 15.66 16.94 9.57
CA ASP A 413 16.54 16.91 10.73
C ASP A 413 15.76 16.61 12.00
N GLU A 414 14.51 17.09 12.10
CA GLU A 414 13.67 16.72 13.23
C GLU A 414 13.44 15.21 13.27
N TRP A 415 13.15 14.60 12.12
CA TRP A 415 12.93 13.16 12.08
C TRP A 415 14.20 12.41 12.45
N ASN A 416 15.35 12.86 11.91
CA ASN A 416 16.62 12.19 12.19
C ASN A 416 16.94 12.19 13.66
N GLN A 417 16.71 13.31 14.33
CA GLN A 417 17.03 13.35 15.74
C GLN A 417 16.24 12.29 16.50
N LYS A 418 14.97 12.10 16.14
CA LYS A 418 14.14 11.12 16.82
C LYS A 418 14.52 9.72 16.39
N TRP A 419 14.80 9.54 15.11
CA TRP A 419 15.22 8.23 14.63
C TRP A 419 16.56 7.83 15.23
N ALA A 420 17.49 8.77 15.31
CA ALA A 420 18.83 8.45 15.74
C ALA A 420 18.84 8.02 17.19
N LYS A 421 18.02 8.66 18.02
CA LYS A 421 17.90 8.17 19.39
C LYS A 421 17.39 6.75 19.41
N ALA A 422 16.34 6.49 18.63
CA ALA A 422 15.72 5.16 18.64
C ALA A 422 16.69 4.10 18.11
N VAL A 423 17.58 4.48 17.19
CA VAL A 423 18.50 3.50 16.63
C VAL A 423 19.52 3.09 17.68
N GLU A 424 20.04 4.09 18.40
CA GLU A 424 21.02 3.81 19.44
C GLU A 424 20.43 2.99 20.54
N ASP A 425 19.17 3.30 20.91
CA ASP A 425 18.45 2.58 21.95
C ASP A 425 18.23 1.11 21.62
N ASN A 426 18.14 0.75 20.33
CA ASN A 426 17.85 -0.63 19.93
C ASN A 426 19.02 -1.33 19.28
C1 BMA B . -12.63 3.47 -1.36
C2 BMA B . -11.53 2.92 -2.28
C3 BMA B . -10.42 2.29 -1.44
C4 BMA B . -9.89 3.26 -0.40
C5 BMA B . -11.06 3.78 0.45
C6 BMA B . -10.59 4.80 1.46
O1 BMA B . -13.58 4.17 -2.19
O2 BMA B . -10.91 3.99 -2.94
O3 BMA B . -9.37 1.85 -2.27
O4 BMA B . -9.00 2.67 0.48
O5 BMA B . -12.07 4.37 -0.41
O6 BMA B . -11.65 5.21 2.25
H1 BMA B . -13.16 2.65 -0.84
H2 BMA B . -11.97 2.19 -2.97
H3 BMA B . -10.79 1.40 -0.90
H4 BMA B . -9.42 4.08 -0.97
H5 BMA B . -11.54 2.95 0.99
H61 BMA B . -10.15 5.65 0.90
H62 BMA B . -9.79 4.33 2.06
HO1 BMA B . -14.26 4.51 -1.60
HO2 BMA B . -10.54 3.61 -3.75
HO3 BMA B . -9.11 0.98 -1.94
HO6 BMA B . -12.46 5.10 1.75
C1 BMA B . -7.62 2.58 0.14
C2 BMA B . -6.82 2.76 1.48
C3 BMA B . -5.34 2.44 1.25
C4 BMA B . -5.15 1.05 0.53
C5 BMA B . -6.00 1.01 -0.76
C6 BMA B . -5.91 -0.38 -1.45
O2 BMA B . -7.28 1.86 2.50
O3 BMA B . -4.57 2.51 2.49
O4 BMA B . -3.82 0.87 0.10
O5 BMA B . -7.40 1.34 -0.48
O6 BMA B . -6.40 -1.41 -0.59
H2 BMA B . -6.93 3.80 1.81
H3 BMA B . -4.88 3.20 0.60
H4 BMA B . -5.47 0.29 1.24
H5 BMA B . -5.65 1.79 -1.45
H61 BMA B . -4.86 -0.54 -1.73
H62 BMA B . -6.50 -0.33 -2.38
HO2 BMA B . -6.53 1.73 3.09
HO3 BMA B . -3.63 2.43 2.22
HO6 BMA B . -5.65 -1.72 -0.07
C1 BMA B . -3.07 0.06 0.92
C2 BMA B . -1.84 -0.32 0.06
C3 BMA B . -0.99 -1.28 0.88
C4 BMA B . -0.68 -0.66 2.26
C5 BMA B . -1.99 -0.18 2.95
C6 BMA B . -1.77 0.47 4.31
O2 BMA B . -1.04 0.80 -0.23
O3 BMA B . 0.26 -1.69 0.20
O4 BMA B . -0.02 -1.63 3.13
O5 BMA B . -2.61 0.74 2.07
O6 BMA B . -0.87 1.53 4.17
H2 BMA B . -2.18 -0.78 -0.88
H3 BMA B . -1.54 -2.22 1.00
H4 BMA B . -0.05 0.22 2.09
H5 BMA B . -2.66 -1.05 3.11
H61 BMA B . -1.39 -0.30 4.99
H62 BMA B . -2.75 0.81 4.68
HO2 BMA B . -0.53 0.57 -1.03
HO3 BMA B . 0.61 -2.43 0.73
HO4 BMA B . 0.47 -1.10 3.77
HO6 BMA B . 0.02 1.17 4.24
ZN ZN C . -6.63 12.84 9.56
ZN ZN D . 7.40 17.43 14.77
ZN ZN E . 12.59 -0.75 22.69
ZN ZN F . 4.52 23.21 11.46
ZN ZN G . 22.16 -0.49 19.05
ZN ZN H . -6.79 8.72 12.98
ZN ZN I . 25.95 8.26 -0.24
ZN ZN J . 27.10 1.15 -11.51
ZN ZN K . 26.06 3.53 19.64
#